data_5EWI
#
_entry.id   5EWI
#
_cell.length_a   62.353
_cell.length_b   84.775
_cell.length_c   90.003
_cell.angle_alpha   90.000
_cell.angle_beta   90.000
_cell.angle_gamma   90.000
#
_symmetry.space_group_name_H-M   'P 21 2 21'
#
loop_
_entity.id
_entity.type
_entity.pdbx_description
1 polymer 'VRC38.01 Heavy Chain'
2 polymer 'VRC38.01 Light Chain'
3 water water
#
loop_
_entity_poly.entity_id
_entity_poly.type
_entity_poly.pdbx_seq_one_letter_code
_entity_poly.pdbx_strand_id
1 'polypeptide(L)'
;EVQLVESGGKLVQPGGSLRLSCEASGESVGDNDMHWVRQVAGKGLEWVSSIGSSGDTYYIDAVKGRFTVSRDKGRNSVYL
QMKTLTVGDTGVYFCVRGPESGWFYHYYWGLGVWGRGTTVTVSSASTKGPSVFPLAPSSKSTSGGTAALGCLVKDYFPEP
VTVSWNSGALTSGVHTFPAVLQSSGLYSLSSVVTVPSSSLGTQTYICNVNHKPSNTKVDKRVEPKSCDKGLEVLFQ
;
H
2 'polypeptide(L)'
;DLLMTQSPHSLAVTPGEPASISCRSSQSLLLGNGRNYLDWYVQKPGQSPQLLIYLGSNRASGVPDRFSGSGSGTYFTLKI
SRVEAEDVGFYYCMEARQTPRLTFGGGTKLEIRRTVAAPSVFIFPPSDEQLKSGTASVVCLLNNFYPREAKVQWKVDNAL
QSGNSQESVTEQDSKDSTYSLSSTLTLSKADYEKHKVYACEVTHQGLSSPVTKSFNRGEC
;
L
#
# COMPACT_ATOMS: atom_id res chain seq x y z
N GLU A 1 -8.15 -8.51 23.84
CA GLU A 1 -7.98 -8.05 22.44
C GLU A 1 -7.33 -9.16 21.60
N VAL A 2 -7.92 -9.42 20.44
CA VAL A 2 -7.41 -10.41 19.49
C VAL A 2 -6.44 -9.73 18.54
N GLN A 3 -5.39 -10.45 18.20
CA GLN A 3 -4.49 -10.09 17.10
C GLN A 3 -4.44 -11.25 16.12
N LEU A 4 -4.45 -10.94 14.82
CA LEU A 4 -4.35 -11.96 13.79
C LEU A 4 -3.06 -11.79 13.01
N VAL A 5 -2.37 -12.90 12.75
CA VAL A 5 -1.13 -12.89 11.98
C VAL A 5 -1.23 -13.95 10.88
N GLU A 6 -1.22 -13.49 9.62
CA GLU A 6 -1.22 -14.39 8.48
C GLU A 6 0.21 -14.76 8.08
N SER A 7 0.35 -15.95 7.50
CA SER A 7 1.66 -16.34 7.00
C SER A 7 1.47 -17.32 5.86
N GLY A 8 2.57 -17.58 5.16
CA GLY A 8 2.58 -18.56 4.09
C GLY A 8 2.57 -17.99 2.70
N GLY A 9 2.29 -16.71 2.56
CA GLY A 9 2.33 -16.12 1.23
C GLY A 9 3.72 -16.18 0.64
N LYS A 10 3.80 -16.59 -0.62
CA LYS A 10 5.09 -16.66 -1.30
C LYS A 10 4.84 -16.75 -2.79
N LEU A 11 5.94 -16.77 -3.52
CA LEU A 11 5.94 -16.96 -4.95
C LEU A 11 5.68 -18.42 -5.30
N VAL A 12 4.74 -18.65 -6.22
CA VAL A 12 4.33 -19.99 -6.63
C VAL A 12 4.07 -20.00 -8.12
N GLN A 13 4.37 -21.15 -8.74
CA GLN A 13 4.13 -21.35 -10.16
C GLN A 13 2.64 -21.29 -10.49
N PRO A 14 2.27 -20.79 -11.67
CA PRO A 14 0.90 -20.99 -12.13
C PRO A 14 0.56 -22.47 -12.14
N GLY A 15 -0.64 -22.78 -11.72
CA GLY A 15 -1.05 -24.16 -11.59
C GLY A 15 -0.70 -24.77 -10.27
N GLY A 16 0.13 -24.09 -9.47
CA GLY A 16 0.60 -24.65 -8.23
C GLY A 16 -0.37 -24.45 -7.08
N SER A 17 0.10 -24.85 -5.90
CA SER A 17 -0.66 -24.88 -4.66
C SER A 17 0.09 -24.14 -3.57
N LEU A 18 -0.67 -23.62 -2.61
CA LEU A 18 -0.12 -22.88 -1.49
C LEU A 18 -1.09 -22.92 -0.33
N ARG A 19 -0.58 -23.07 0.89
CA ARG A 19 -1.40 -23.02 2.10
C ARG A 19 -1.05 -21.79 2.92
N LEU A 20 -2.04 -20.97 3.19
CA LEU A 20 -1.90 -19.82 4.08
C LEU A 20 -2.42 -20.17 5.46
N SER A 21 -1.82 -19.56 6.47
CA SER A 21 -2.24 -19.74 7.85
C SER A 21 -2.59 -18.39 8.45
N CYS A 22 -3.54 -18.41 9.37
CA CYS A 22 -3.87 -17.25 10.19
C CYS A 22 -3.88 -17.71 11.63
N GLU A 23 -2.99 -17.17 12.45
CA GLU A 23 -2.89 -17.51 13.86
C GLU A 23 -3.48 -16.37 14.67
N ALA A 24 -4.45 -16.69 15.50
CA ALA A 24 -5.01 -15.70 16.42
C ALA A 24 -4.32 -15.79 17.77
N SER A 25 -4.15 -14.64 18.42
CA SER A 25 -3.61 -14.60 19.76
C SER A 25 -4.42 -13.60 20.59
N GLY A 26 -4.33 -13.74 21.90
CA GLY A 26 -5.04 -12.86 22.82
C GLY A 26 -6.30 -13.46 23.40
N GLU A 27 -7.19 -13.89 22.51
CA GLU A 27 -8.43 -14.56 22.87
C GLU A 27 -8.68 -15.65 21.83
N SER A 28 -9.58 -16.56 22.17
CA SER A 28 -10.01 -17.56 21.21
C SER A 28 -10.93 -16.94 20.15
N VAL A 29 -10.69 -17.29 18.90
CA VAL A 29 -11.64 -16.97 17.83
C VAL A 29 -12.47 -18.19 17.45
N GLY A 30 -12.49 -19.22 18.29
CA GLY A 30 -13.15 -20.47 17.94
C GLY A 30 -14.65 -20.34 17.69
N ASP A 31 -15.30 -19.37 18.33
CA ASP A 31 -16.73 -19.17 18.18
C ASP A 31 -17.07 -18.19 17.07
N ASN A 32 -16.07 -17.63 16.39
CA ASN A 32 -16.28 -16.61 15.38
C ASN A 32 -16.22 -17.17 13.97
N ASP A 33 -17.04 -16.58 13.08
CA ASP A 33 -16.79 -16.69 11.65
C ASP A 33 -15.46 -16.01 11.36
N MET A 34 -14.66 -16.65 10.51
CA MET A 34 -13.37 -16.12 10.08
C MET A 34 -13.36 -15.98 8.57
N HIS A 35 -12.82 -14.87 8.08
CA HIS A 35 -12.93 -14.50 6.68
C HIS A 35 -11.56 -14.32 6.05
N TRP A 36 -11.47 -14.64 4.77
CA TRP A 36 -10.33 -14.30 3.95
C TRP A 36 -10.77 -13.25 2.93
N VAL A 37 -9.98 -12.18 2.82
CA VAL A 37 -10.27 -11.05 1.95
C VAL A 37 -8.97 -10.72 1.24
N ARG A 38 -9.02 -10.50 -0.06
CA ARG A 38 -7.78 -10.26 -0.78
C ARG A 38 -7.80 -8.90 -1.48
N GLN A 39 -6.60 -8.41 -1.76
CA GLN A 39 -6.39 -7.08 -2.32
C GLN A 39 -5.25 -7.10 -3.33
N VAL A 40 -5.51 -6.61 -4.54
CA VAL A 40 -4.46 -6.47 -5.55
C VAL A 40 -3.96 -5.02 -5.54
N ALA A 41 -2.64 -4.85 -5.52
CA ALA A 41 -2.02 -3.53 -5.74
C ALA A 41 -2.52 -2.48 -4.74
N GLY A 42 -2.70 -2.88 -3.49
CA GLY A 42 -3.03 -1.96 -2.41
C GLY A 42 -4.34 -1.22 -2.59
N LYS A 43 -5.19 -1.70 -3.50
CA LYS A 43 -6.45 -1.05 -3.79
C LYS A 43 -7.50 -2.11 -4.08
N GLY A 44 -8.69 -1.94 -3.52
CA GLY A 44 -9.75 -2.89 -3.76
C GLY A 44 -9.72 -3.98 -2.72
N LEU A 45 -10.88 -4.41 -2.28
CA LEU A 45 -11.00 -5.50 -1.33
C LEU A 45 -11.99 -6.47 -1.93
N GLU A 46 -11.63 -7.76 -1.92
CA GLU A 46 -12.51 -8.82 -2.42
C GLU A 46 -12.64 -9.92 -1.37
N TRP A 47 -13.84 -10.08 -0.83
CA TRP A 47 -14.11 -11.22 0.02
C TRP A 47 -13.99 -12.50 -0.79
N VAL A 48 -13.29 -13.50 -0.26
CA VAL A 48 -12.96 -14.74 -0.98
C VAL A 48 -13.64 -15.96 -0.38
N SER A 49 -13.58 -16.10 0.94
CA SER A 49 -14.01 -17.33 1.60
CA SER A 49 -14.00 -17.33 1.60
C SER A 49 -14.22 -17.07 3.08
N SER A 50 -15.04 -17.91 3.70
CA SER A 50 -15.17 -17.82 5.14
C SER A 50 -15.47 -19.19 5.72
N ILE A 51 -15.21 -19.30 7.02
CA ILE A 51 -15.51 -20.51 7.77
C ILE A 51 -16.16 -20.17 9.10
N GLY A 52 -17.20 -20.93 9.46
CA GLY A 52 -17.89 -20.76 10.72
C GLY A 52 -17.26 -21.56 11.84
N SER A 53 -17.76 -21.30 13.05
CA SER A 53 -17.36 -22.06 14.22
C SER A 53 -17.52 -23.56 14.01
N SER A 54 -18.57 -23.97 13.32
CA SER A 54 -18.84 -25.39 13.14
C SER A 54 -18.13 -25.96 11.92
N GLY A 55 -17.27 -25.18 11.27
CA GLY A 55 -16.51 -25.66 10.12
C GLY A 55 -17.24 -25.55 8.81
N ASP A 56 -18.44 -24.96 8.80
CA ASP A 56 -19.15 -24.64 7.57
C ASP A 56 -18.39 -23.59 6.75
N THR A 57 -18.34 -23.77 5.43
CA THR A 57 -17.56 -22.89 4.55
C THR A 57 -18.40 -22.30 3.42
N TYR A 58 -17.83 -21.24 2.86
CA TYR A 58 -18.44 -20.37 1.86
C TYR A 58 -17.31 -19.82 0.98
N TYR A 59 -17.60 -19.69 -0.32
CA TYR A 59 -16.61 -19.27 -1.31
C TYR A 59 -17.26 -18.42 -2.40
N ILE A 60 -16.49 -17.47 -2.96
CA ILE A 60 -16.89 -16.86 -4.22
C ILE A 60 -16.73 -17.86 -5.36
N ASP A 61 -17.52 -17.67 -6.42
CA ASP A 61 -17.49 -18.57 -7.57
C ASP A 61 -16.09 -18.68 -8.16
N ALA A 62 -15.32 -17.58 -8.15
CA ALA A 62 -14.02 -17.57 -8.83
C ALA A 62 -13.01 -18.50 -8.17
N VAL A 63 -13.25 -18.93 -6.93
CA VAL A 63 -12.30 -19.79 -6.23
C VAL A 63 -12.93 -21.09 -5.79
N LYS A 64 -14.24 -21.24 -5.91
CA LYS A 64 -14.91 -22.45 -5.47
C LYS A 64 -14.31 -23.66 -6.19
N GLY A 65 -13.99 -24.70 -5.41
CA GLY A 65 -13.37 -25.88 -5.95
C GLY A 65 -11.85 -25.82 -6.03
N ARG A 66 -11.27 -24.63 -5.97
CA ARG A 66 -9.83 -24.48 -5.95
C ARG A 66 -9.29 -24.10 -4.58
N PHE A 67 -10.07 -23.38 -3.78
CA PHE A 67 -9.69 -22.95 -2.44
C PHE A 67 -10.47 -23.77 -1.43
N THR A 68 -9.83 -24.11 -0.31
CA THR A 68 -10.50 -24.77 0.80
C THR A 68 -10.10 -24.09 2.09
N VAL A 69 -11.06 -23.57 2.83
CA VAL A 69 -10.82 -23.00 4.15
CA VAL A 69 -10.80 -23.00 4.14
C VAL A 69 -10.98 -24.10 5.18
N SER A 70 -10.16 -24.06 6.22
CA SER A 70 -10.26 -25.00 7.33
C SER A 70 -9.78 -24.29 8.60
N ARG A 71 -9.97 -24.93 9.73
CA ARG A 71 -9.54 -24.27 10.96
C ARG A 71 -9.07 -25.33 11.95
N ASP A 72 -8.38 -24.85 12.99
CA ASP A 72 -7.87 -25.73 14.05
C ASP A 72 -8.06 -24.97 15.36
N LYS A 73 -9.09 -25.32 16.11
CA LYS A 73 -9.39 -24.56 17.32
C LYS A 73 -8.32 -24.75 18.39
N GLY A 74 -7.68 -25.90 18.45
CA GLY A 74 -6.64 -26.11 19.45
C GLY A 74 -5.41 -25.23 19.23
N ARG A 75 -5.16 -24.86 17.98
CA ARG A 75 -4.07 -23.94 17.64
C ARG A 75 -4.58 -22.52 17.41
N ASN A 76 -5.88 -22.27 17.62
CA ASN A 76 -6.49 -20.96 17.46
C ASN A 76 -6.13 -20.37 16.10
N SER A 77 -6.27 -21.19 15.05
CA SER A 77 -5.83 -20.84 13.71
C SER A 77 -6.88 -21.16 12.66
N VAL A 78 -6.74 -20.50 11.51
CA VAL A 78 -7.53 -20.74 10.31
C VAL A 78 -6.56 -20.90 9.14
N TYR A 79 -6.96 -21.68 8.14
CA TYR A 79 -6.09 -22.00 7.02
C TYR A 79 -6.83 -21.78 5.71
N LEU A 80 -6.08 -21.48 4.65
CA LEU A 80 -6.63 -21.36 3.29
C LEU A 80 -5.71 -22.17 2.39
N GLN A 81 -6.20 -23.31 1.93
CA GLN A 81 -5.50 -24.13 0.97
C GLN A 81 -5.91 -23.71 -0.44
N MET A 82 -4.95 -23.29 -1.25
CA MET A 82 -5.17 -22.86 -2.61
C MET A 82 -4.56 -23.87 -3.56
N LYS A 83 -5.30 -24.20 -4.61
CA LYS A 83 -4.84 -25.13 -5.65
C LYS A 83 -5.10 -24.53 -7.01
N THR A 84 -4.41 -25.07 -8.01
CA THR A 84 -4.50 -24.66 -9.41
C THR A 84 -4.54 -23.13 -9.49
N LEU A 85 -3.52 -22.53 -8.90
CA LEU A 85 -3.47 -21.07 -8.82
C LEU A 85 -3.25 -20.43 -10.18
N THR A 86 -3.79 -19.22 -10.32
CA THR A 86 -3.69 -18.41 -11.52
C THR A 86 -3.18 -17.02 -11.15
N VAL A 87 -2.74 -16.27 -12.16
CA VAL A 87 -2.31 -14.90 -11.91
C VAL A 87 -3.41 -14.06 -11.27
N GLY A 88 -4.67 -14.37 -11.55
CA GLY A 88 -5.76 -13.65 -10.90
C GLY A 88 -5.84 -13.86 -9.40
N ASP A 89 -5.05 -14.81 -8.88
CA ASP A 89 -4.99 -15.04 -7.45
C ASP A 89 -3.87 -14.28 -6.77
N THR A 90 -2.97 -13.64 -7.52
CA THR A 90 -1.94 -12.83 -6.92
C THR A 90 -2.56 -11.70 -6.11
N GLY A 91 -2.02 -11.45 -4.92
CA GLY A 91 -2.48 -10.34 -4.12
C GLY A 91 -2.14 -10.55 -2.66
N VAL A 92 -2.57 -9.58 -1.86
CA VAL A 92 -2.42 -9.66 -0.41
C VAL A 92 -3.69 -10.27 0.17
N TYR A 93 -3.51 -11.26 1.02
CA TYR A 93 -4.61 -11.98 1.64
C TYR A 93 -4.64 -11.63 3.13
N PHE A 94 -5.79 -11.13 3.57
CA PHE A 94 -6.07 -10.79 4.97
C PHE A 94 -7.00 -11.82 5.58
N CYS A 95 -6.73 -12.15 6.82
CA CYS A 95 -7.63 -12.89 7.69
C CYS A 95 -8.34 -11.88 8.58
N VAL A 96 -9.66 -12.06 8.73
CA VAL A 96 -10.50 -11.07 9.41
C VAL A 96 -11.46 -11.80 10.33
N ARG A 97 -11.60 -11.31 11.55
CA ARG A 97 -12.52 -11.90 12.51
CA ARG A 97 -12.52 -11.90 12.51
C ARG A 97 -13.92 -11.36 12.30
N GLY A 98 -14.88 -12.28 12.14
CA GLY A 98 -16.26 -11.92 11.98
C GLY A 98 -17.04 -12.09 13.25
N PRO A 99 -18.36 -11.95 13.16
CA PRO A 99 -19.22 -12.14 14.33
C PRO A 99 -19.22 -13.58 14.81
N GLU A 100 -19.79 -13.77 15.99
CA GLU A 100 -19.97 -15.11 16.49
C GLU A 100 -20.93 -15.86 15.58
N SER A 101 -20.55 -17.07 15.21
CA SER A 101 -21.33 -17.82 14.23
C SER A 101 -22.76 -18.01 14.70
N GLY A 102 -23.70 -17.70 13.80
CA GLY A 102 -25.11 -17.91 14.01
C GLY A 102 -25.81 -16.80 14.76
N TRP A 103 -25.10 -15.77 15.20
CA TRP A 103 -25.68 -14.73 16.04
C TRP A 103 -25.91 -13.42 15.32
N PHE A 104 -25.52 -13.27 14.04
CA PHE A 104 -25.50 -11.94 13.44
C PHE A 104 -26.87 -11.27 13.43
N TYR A 105 -27.96 -12.03 13.46
CA TYR A 105 -29.29 -11.42 13.47
C TYR A 105 -29.59 -10.71 14.78
N HIS A 106 -28.84 -11.04 15.83
CA HIS A 106 -29.01 -10.42 17.14
C HIS A 106 -27.84 -9.54 17.53
N TYR A 107 -26.63 -9.97 17.23
CA TYR A 107 -25.40 -9.29 17.64
C TYR A 107 -24.45 -9.26 16.44
N TYR A 108 -24.39 -8.13 15.77
CA TYR A 108 -23.46 -7.94 14.65
C TYR A 108 -22.80 -6.60 14.89
N TRP A 109 -21.47 -6.58 14.93
CA TRP A 109 -20.71 -5.37 15.27
C TRP A 109 -19.75 -4.95 14.19
N GLY A 110 -19.92 -5.43 12.97
CA GLY A 110 -18.94 -5.23 11.92
C GLY A 110 -17.75 -6.16 12.07
N LEU A 111 -16.84 -6.06 11.10
CA LEU A 111 -15.57 -6.81 11.04
C LEU A 111 -14.49 -6.00 11.75
N GLY A 112 -14.36 -6.27 13.05
CA GLY A 112 -13.50 -5.44 13.89
C GLY A 112 -12.02 -5.67 13.67
N VAL A 113 -11.59 -6.92 13.50
CA VAL A 113 -10.17 -7.26 13.70
C VAL A 113 -9.59 -7.86 12.40
N TRP A 114 -8.58 -7.19 11.80
CA TRP A 114 -7.91 -7.63 10.58
C TRP A 114 -6.43 -7.93 10.84
N GLY A 115 -5.90 -8.95 10.16
CA GLY A 115 -4.47 -9.17 10.14
C GLY A 115 -3.74 -8.15 9.26
N ARG A 116 -2.41 -8.27 9.23
CA ARG A 116 -1.60 -7.37 8.42
C ARG A 116 -1.50 -7.79 6.96
N GLY A 117 -1.84 -9.03 6.66
CA GLY A 117 -1.85 -9.58 5.32
C GLY A 117 -0.61 -10.41 5.03
N THR A 118 -0.76 -11.35 4.13
CA THR A 118 0.36 -12.11 3.58
C THR A 118 0.25 -12.07 2.07
N THR A 119 1.39 -11.98 1.39
CA THR A 119 1.43 -11.73 -0.04
C THR A 119 1.64 -13.01 -0.83
N VAL A 120 0.77 -13.22 -1.82
CA VAL A 120 0.80 -14.37 -2.71
C VAL A 120 1.15 -13.87 -4.11
N THR A 121 2.16 -14.47 -4.72
CA THR A 121 2.57 -14.09 -6.07
C THR A 121 2.54 -15.33 -6.94
N VAL A 122 1.71 -15.33 -7.98
CA VAL A 122 1.60 -16.43 -8.91
C VAL A 122 2.31 -16.04 -10.19
N SER A 123 3.43 -16.68 -10.48
CA SER A 123 4.29 -16.26 -11.59
C SER A 123 5.28 -17.38 -11.86
N SER A 124 5.72 -17.51 -13.12
CA SER A 124 6.81 -18.43 -13.45
C SER A 124 8.17 -17.75 -13.37
N ALA A 125 8.24 -16.50 -12.94
CA ALA A 125 9.51 -15.80 -12.80
C ALA A 125 10.23 -16.26 -11.55
N SER A 126 11.56 -16.15 -11.57
CA SER A 126 12.40 -16.59 -10.46
C SER A 126 12.49 -15.55 -9.35
N THR A 127 12.66 -16.03 -8.14
CA THR A 127 13.11 -15.21 -7.04
C THR A 127 14.46 -14.60 -7.36
N LYS A 128 14.59 -13.30 -7.10
CA LYS A 128 15.86 -12.60 -7.29
C LYS A 128 16.03 -11.55 -6.21
N GLY A 129 17.16 -11.59 -5.50
CA GLY A 129 17.44 -10.63 -4.48
C GLY A 129 17.97 -9.33 -5.06
N PRO A 130 17.75 -8.23 -4.35
CA PRO A 130 18.14 -6.92 -4.87
C PRO A 130 19.63 -6.63 -4.70
N SER A 131 20.09 -5.70 -5.52
CA SER A 131 21.33 -4.99 -5.27
C SER A 131 20.97 -3.67 -4.63
N VAL A 132 21.81 -3.22 -3.70
CA VAL A 132 21.52 -2.01 -2.93
C VAL A 132 22.67 -1.05 -3.15
N PHE A 133 22.36 0.14 -3.65
CA PHE A 133 23.35 1.15 -3.97
C PHE A 133 23.08 2.44 -3.20
N PRO A 134 24.12 3.17 -2.80
CA PRO A 134 23.86 4.42 -2.08
C PRO A 134 23.44 5.53 -3.03
N LEU A 135 22.51 6.36 -2.54
CA LEU A 135 22.23 7.68 -3.12
C LEU A 135 22.91 8.69 -2.20
N ALA A 136 24.13 9.07 -2.56
CA ALA A 136 25.00 9.79 -1.65
C ALA A 136 24.58 11.26 -1.55
N PRO A 137 24.66 11.85 -0.36
CA PRO A 137 24.30 13.27 -0.20
C PRO A 137 25.23 14.16 -0.99
N SER A 138 24.66 15.20 -1.61
CA SER A 138 25.44 16.15 -2.40
C SER A 138 26.41 16.92 -1.51
N SER A 139 27.58 17.21 -2.07
CA SER A 139 28.58 17.99 -1.35
C SER A 139 28.15 19.45 -1.18
N LYS A 140 27.19 19.90 -1.98
CA LYS A 140 26.78 21.30 -2.00
C LYS A 140 25.81 21.65 -0.87
N GLY A 145 21.04 24.00 6.11
CA GLY A 145 19.90 23.61 5.31
C GLY A 145 19.59 22.12 5.42
N THR A 146 18.83 21.62 4.47
CA THR A 146 18.34 20.24 4.48
C THR A 146 19.03 19.44 3.38
N ALA A 147 19.48 18.24 3.72
CA ALA A 147 20.17 17.36 2.79
C ALA A 147 19.38 16.07 2.59
N ALA A 148 19.44 15.54 1.38
CA ALA A 148 18.80 14.26 1.09
C ALA A 148 19.84 13.20 0.78
N LEU A 149 19.55 11.99 1.24
CA LEU A 149 20.33 10.81 0.90
C LEU A 149 19.37 9.63 0.84
N GLY A 150 19.87 8.52 0.32
CA GLY A 150 19.00 7.37 0.21
C GLY A 150 19.71 6.12 -0.24
N CYS A 151 18.89 5.12 -0.54
CA CYS A 151 19.36 3.85 -1.06
CA CYS A 151 19.37 3.85 -1.06
C CYS A 151 18.47 3.45 -2.22
N LEU A 152 19.09 3.01 -3.29
CA LEU A 152 18.43 2.46 -4.46
C LEU A 152 18.46 0.94 -4.34
N VAL A 153 17.29 0.32 -4.39
CA VAL A 153 17.13 -1.12 -4.20
C VAL A 153 16.67 -1.65 -5.55
N LYS A 154 17.57 -2.28 -6.30
CA LYS A 154 17.36 -2.51 -7.71
C LYS A 154 17.31 -3.99 -8.07
N ASP A 155 16.36 -4.32 -8.96
CA ASP A 155 16.32 -5.60 -9.68
C ASP A 155 16.02 -6.78 -8.77
N TYR A 156 14.82 -6.80 -8.20
CA TYR A 156 14.40 -7.89 -7.33
C TYR A 156 13.03 -8.39 -7.71
N PHE A 157 12.72 -9.59 -7.23
CA PHE A 157 11.43 -10.19 -7.46
C PHE A 157 11.26 -11.32 -6.44
N PRO A 158 10.05 -11.52 -5.93
CA PRO A 158 8.81 -10.75 -6.02
C PRO A 158 8.83 -9.59 -5.01
N GLU A 159 7.75 -8.85 -4.93
CA GLU A 159 7.54 -7.97 -3.77
C GLU A 159 7.27 -8.83 -2.54
N PRO A 160 7.47 -8.28 -1.33
CA PRO A 160 7.90 -6.93 -0.99
C PRO A 160 9.32 -6.84 -0.47
N VAL A 161 9.83 -5.62 -0.51
CA VAL A 161 11.07 -5.21 0.15
C VAL A 161 10.69 -4.23 1.25
N THR A 162 11.35 -4.34 2.41
CA THR A 162 11.21 -3.35 3.46
C THR A 162 12.54 -2.62 3.63
N VAL A 163 12.47 -1.32 3.93
CA VAL A 163 13.65 -0.51 4.16
C VAL A 163 13.46 0.22 5.48
N SER A 164 14.45 0.12 6.36
CA SER A 164 14.51 0.97 7.53
C SER A 164 15.83 1.74 7.52
N TRP A 165 15.92 2.73 8.40
CA TRP A 165 17.10 3.56 8.52
C TRP A 165 17.62 3.50 9.95
N ASN A 166 18.92 3.25 10.08
CA ASN A 166 19.58 3.16 11.39
C ASN A 166 18.84 2.21 12.32
N SER A 167 18.49 1.04 11.78
CA SER A 167 17.86 -0.04 12.53
C SER A 167 16.53 0.37 13.16
N GLY A 168 15.83 1.33 12.53
CA GLY A 168 14.55 1.81 13.00
C GLY A 168 14.61 3.08 13.82
N ALA A 169 15.81 3.53 14.21
CA ALA A 169 15.92 4.73 15.03
C ALA A 169 15.55 5.99 14.25
N LEU A 170 15.65 5.96 12.93
CA LEU A 170 15.44 7.13 12.10
C LEU A 170 14.17 6.90 11.28
N THR A 171 13.16 7.72 11.54
CA THR A 171 11.85 7.57 10.92
C THR A 171 11.37 8.90 10.35
N SER A 172 11.71 9.99 11.02
CA SER A 172 11.33 11.31 10.53
C SER A 172 11.98 11.60 9.18
N GLY A 173 11.18 12.05 8.23
CA GLY A 173 11.69 12.45 6.93
C GLY A 173 11.97 11.32 5.97
N VAL A 174 11.59 10.08 6.30
CA VAL A 174 11.85 8.94 5.44
C VAL A 174 10.69 8.79 4.46
N HIS A 175 11.02 8.61 3.19
CA HIS A 175 10.08 8.21 2.16
C HIS A 175 10.62 6.97 1.48
N THR A 176 9.91 5.87 1.58
CA THR A 176 10.24 4.69 0.80
C THR A 176 9.21 4.58 -0.32
N PHE A 177 9.69 4.66 -1.56
CA PHE A 177 8.78 4.80 -2.68
C PHE A 177 8.17 3.47 -3.05
N PRO A 178 6.94 3.48 -3.59
CA PRO A 178 6.37 2.25 -4.13
C PRO A 178 7.27 1.67 -5.21
N ALA A 179 7.39 0.34 -5.22
CA ALA A 179 8.20 -0.31 -6.22
C ALA A 179 7.61 -0.09 -7.60
N VAL A 180 8.48 -0.02 -8.60
CA VAL A 180 8.07 0.10 -9.99
C VAL A 180 8.62 -1.12 -10.74
N LEU A 181 7.79 -1.70 -11.58
CA LEU A 181 8.19 -2.82 -12.43
C LEU A 181 8.94 -2.28 -13.63
N GLN A 182 10.15 -2.79 -13.83
CA GLN A 182 10.95 -2.48 -15.00
C GLN A 182 10.50 -3.35 -16.18
N SER A 183 10.91 -2.97 -17.39
CA SER A 183 10.55 -3.75 -18.56
C SER A 183 11.08 -5.17 -18.47
N SER A 184 12.17 -5.37 -17.72
CA SER A 184 12.73 -6.70 -17.51
C SER A 184 11.79 -7.62 -16.72
N GLY A 185 10.83 -7.06 -16.00
CA GLY A 185 10.00 -7.84 -15.10
C GLY A 185 10.48 -7.84 -13.66
N LEU A 186 11.56 -7.14 -13.37
CA LEU A 186 12.10 -6.98 -12.02
C LEU A 186 11.68 -5.64 -11.43
N TYR A 187 11.54 -5.60 -10.11
CA TYR A 187 11.17 -4.40 -9.40
C TYR A 187 12.39 -3.61 -8.98
N SER A 188 12.18 -2.30 -8.79
CA SER A 188 13.17 -1.42 -8.20
C SER A 188 12.44 -0.37 -7.39
N LEU A 189 13.11 0.11 -6.33
CA LEU A 189 12.59 1.24 -5.57
C LEU A 189 13.76 1.99 -4.94
N SER A 190 13.46 3.19 -4.48
CA SER A 190 14.38 3.96 -3.69
C SER A 190 13.74 4.30 -2.34
N SER A 191 14.61 4.41 -1.35
CA SER A 191 14.22 4.96 -0.06
C SER A 191 15.12 6.16 0.18
N VAL A 192 14.51 7.29 0.55
CA VAL A 192 15.26 8.52 0.79
C VAL A 192 14.90 9.06 2.16
N VAL A 193 15.78 9.89 2.68
CA VAL A 193 15.52 10.58 3.94
C VAL A 193 16.15 11.95 3.85
N THR A 194 15.49 12.94 4.46
CA THR A 194 16.07 14.27 4.59
C THR A 194 16.55 14.47 6.02
N VAL A 195 17.75 15.03 6.15
CA VAL A 195 18.37 15.21 7.46
C VAL A 195 19.01 16.57 7.48
N PRO A 196 19.26 17.11 8.68
CA PRO A 196 19.99 18.38 8.77
C PRO A 196 21.32 18.26 8.05
N SER A 197 21.58 19.21 7.15
CA SER A 197 22.83 19.18 6.41
C SER A 197 24.04 19.22 7.35
N SER A 198 23.88 19.80 8.54
CA SER A 198 24.99 19.89 9.48
C SER A 198 25.31 18.53 10.10
N SER A 199 24.40 17.57 10.04
CA SER A 199 24.62 16.26 10.64
C SER A 199 25.36 15.30 9.72
N LEU A 200 25.63 15.69 8.47
CA LEU A 200 26.24 14.77 7.52
C LEU A 200 27.66 14.37 7.91
N GLY A 201 28.35 15.19 8.70
CA GLY A 201 29.72 14.88 9.07
C GLY A 201 29.84 14.00 10.29
N THR A 202 28.82 14.04 11.16
CA THR A 202 28.90 13.41 12.46
C THR A 202 27.96 12.22 12.63
N GLN A 203 26.92 12.11 11.82
CA GLN A 203 25.93 11.06 11.99
C GLN A 203 26.12 9.99 10.93
N THR A 204 26.07 8.74 11.36
CA THR A 204 26.10 7.60 10.45
C THR A 204 24.68 7.30 9.96
N TYR A 205 24.56 7.03 8.66
CA TYR A 205 23.28 6.71 8.04
C TYR A 205 23.43 5.38 7.34
N ILE A 206 22.62 4.40 7.76
CA ILE A 206 22.66 3.05 7.24
C ILE A 206 21.24 2.68 6.87
N CYS A 207 21.06 2.23 5.64
CA CYS A 207 19.76 1.75 5.20
CA CYS A 207 19.77 1.75 5.18
C CYS A 207 19.74 0.24 5.35
N ASN A 208 18.71 -0.26 6.01
CA ASN A 208 18.55 -1.67 6.32
C ASN A 208 17.50 -2.23 5.38
N VAL A 209 17.93 -3.01 4.41
CA VAL A 209 17.06 -3.58 3.40
C VAL A 209 16.80 -5.04 3.73
N ASN A 210 15.53 -5.44 3.67
CA ASN A 210 15.15 -6.84 3.88
C ASN A 210 14.25 -7.26 2.75
N HIS A 211 14.70 -8.22 1.96
CA HIS A 211 13.87 -8.86 0.94
C HIS A 211 13.68 -10.29 1.41
N LYS A 212 12.69 -10.51 2.25
CA LYS A 212 12.54 -11.84 2.83
C LYS A 212 12.31 -12.91 1.77
N PRO A 213 11.62 -12.66 0.65
CA PRO A 213 11.43 -13.73 -0.34
C PRO A 213 12.72 -14.34 -0.84
N SER A 214 13.81 -13.58 -0.85
CA SER A 214 15.11 -14.11 -1.26
C SER A 214 16.09 -14.27 -0.11
N ASN A 215 15.65 -14.12 1.12
CA ASN A 215 16.54 -14.23 2.26
C ASN A 215 17.64 -13.18 2.22
N THR A 216 17.36 -12.01 1.65
CA THR A 216 18.36 -10.96 1.54
C THR A 216 18.16 -9.94 2.66
N LYS A 217 19.18 -9.79 3.49
CA LYS A 217 19.28 -8.68 4.44
C LYS A 217 20.58 -7.95 4.17
N VAL A 218 20.49 -6.66 3.89
CA VAL A 218 21.67 -5.88 3.52
C VAL A 218 21.63 -4.58 4.30
N ASP A 219 22.75 -4.23 4.93
CA ASP A 219 22.96 -2.90 5.50
C ASP A 219 23.93 -2.15 4.61
N LYS A 220 23.53 -0.96 4.17
CA LYS A 220 24.36 -0.15 3.29
C LYS A 220 24.62 1.19 3.95
N ARG A 221 25.90 1.47 4.21
CA ARG A 221 26.32 2.78 4.67
C ARG A 221 26.18 3.78 3.54
N VAL A 222 25.60 4.95 3.84
CA VAL A 222 25.44 6.01 2.88
C VAL A 222 26.15 7.22 3.43
N GLU A 223 27.21 7.62 2.78
CA GLU A 223 28.05 8.71 3.26
C GLU A 223 28.34 9.66 2.12
N PRO A 224 28.71 10.90 2.43
CA PRO A 224 29.19 11.81 1.38
C PRO A 224 30.34 11.18 0.61
N LYS A 225 30.33 11.38 -0.71
CA LYS A 225 31.40 10.85 -1.55
C LYS A 225 32.63 11.75 -1.45
N ASP B 1 -26.14 -12.18 -8.77
CA ASP B 1 -25.41 -11.92 -7.51
C ASP B 1 -25.67 -10.50 -7.01
N LEU B 2 -25.52 -10.31 -5.70
CA LEU B 2 -25.65 -8.99 -5.10
C LEU B 2 -24.46 -8.12 -5.51
N LEU B 3 -24.75 -6.97 -6.10
CA LEU B 3 -23.74 -6.02 -6.58
C LEU B 3 -23.71 -4.79 -5.68
N MET B 4 -22.51 -4.27 -5.44
CA MET B 4 -22.30 -3.11 -4.58
C MET B 4 -21.59 -2.03 -5.38
N THR B 5 -22.22 -0.87 -5.53
CA THR B 5 -21.71 0.21 -6.38
C THR B 5 -21.47 1.47 -5.54
N GLN B 6 -20.23 1.94 -5.50
CA GLN B 6 -19.87 3.15 -4.78
C GLN B 6 -19.73 4.35 -5.70
N SER B 7 -20.02 5.52 -5.14
CA SER B 7 -19.87 6.75 -5.91
C SER B 7 -19.54 7.89 -4.94
N PRO B 8 -18.63 8.76 -5.32
CA PRO B 8 -17.81 8.80 -6.54
C PRO B 8 -16.64 7.85 -6.41
N HIS B 9 -15.89 7.64 -7.49
CA HIS B 9 -14.70 6.79 -7.38
C HIS B 9 -13.59 7.50 -6.61
N SER B 10 -13.55 8.82 -6.68
CA SER B 10 -12.55 9.59 -5.96
C SER B 10 -13.12 10.96 -5.67
N LEU B 11 -12.65 11.58 -4.60
CA LEU B 11 -12.95 12.98 -4.41
C LEU B 11 -11.82 13.63 -3.64
N ALA B 12 -11.71 14.93 -3.83
CA ALA B 12 -10.71 15.73 -3.16
C ALA B 12 -11.42 16.82 -2.38
N VAL B 13 -11.02 17.00 -1.14
CA VAL B 13 -11.73 17.86 -0.21
C VAL B 13 -10.72 18.72 0.56
N THR B 14 -11.08 19.98 0.76
CA THR B 14 -10.30 20.88 1.61
C THR B 14 -10.54 20.57 3.08
N PRO B 15 -9.50 20.52 3.91
CA PRO B 15 -9.73 20.26 5.34
C PRO B 15 -10.70 21.28 5.92
N GLY B 16 -11.60 20.78 6.78
CA GLY B 16 -12.66 21.57 7.34
C GLY B 16 -13.98 21.44 6.60
N GLU B 17 -13.93 20.98 5.38
CA GLU B 17 -15.14 20.87 4.58
C GLU B 17 -15.64 19.43 4.58
N PRO B 18 -16.91 19.21 4.21
CA PRO B 18 -17.48 17.87 4.33
C PRO B 18 -17.17 17.00 3.12
N ALA B 19 -17.25 15.70 3.34
CA ALA B 19 -17.15 14.70 2.29
C ALA B 19 -18.34 13.76 2.41
N SER B 20 -18.89 13.35 1.27
CA SER B 20 -20.00 12.39 1.22
C SER B 20 -19.68 11.33 0.18
N ILE B 21 -19.87 10.08 0.58
CA ILE B 21 -19.62 8.93 -0.27
C ILE B 21 -20.86 8.05 -0.18
N SER B 22 -21.31 7.51 -1.31
CA SER B 22 -22.52 6.72 -1.35
CA SER B 22 -22.52 6.72 -1.33
C SER B 22 -22.23 5.30 -1.80
N CYS B 23 -23.12 4.40 -1.42
CA CYS B 23 -23.05 2.99 -1.75
C CYS B 23 -24.45 2.54 -2.13
N ARG B 24 -24.59 1.88 -3.27
CA ARG B 24 -25.88 1.37 -3.70
C ARG B 24 -25.80 -0.14 -3.85
N SER B 25 -26.73 -0.84 -3.21
CA SER B 25 -26.82 -2.28 -3.34
C SER B 25 -27.88 -2.65 -4.37
N SER B 26 -27.65 -3.74 -5.13
CA SER B 26 -28.68 -4.19 -6.05
C SER B 26 -29.88 -4.78 -5.33
N GLN B 27 -29.70 -5.23 -4.10
CA GLN B 27 -30.76 -5.82 -3.29
C GLN B 27 -30.79 -5.17 -1.92
N SER B 28 -31.99 -5.16 -1.33
CA SER B 28 -32.14 -4.51 -0.03
C SER B 28 -31.30 -5.22 1.03
N LEU B 29 -30.67 -4.40 1.86
CA LEU B 29 -29.85 -4.89 2.97
C LEU B 29 -30.61 -4.82 4.29
N LEU B 30 -31.90 -4.48 4.26
CA LEU B 30 -32.72 -4.41 5.45
C LEU B 30 -33.28 -5.79 5.77
N LEU B 31 -33.06 -6.26 6.99
CA LEU B 31 -33.66 -7.51 7.41
C LEU B 31 -34.85 -7.25 8.35
N GLY B 32 -35.60 -8.31 8.60
CA GLY B 32 -36.84 -8.20 9.36
C GLY B 32 -36.67 -7.63 10.74
N ASN B 33 -35.44 -7.58 11.26
CA ASN B 33 -35.21 -7.00 12.57
C ASN B 33 -35.06 -5.48 12.53
N GLY B 34 -35.32 -4.84 11.38
CA GLY B 34 -35.21 -3.40 11.24
C GLY B 34 -33.81 -2.87 11.04
N ARG B 35 -32.81 -3.75 10.90
CA ARG B 35 -31.42 -3.36 10.79
C ARG B 35 -30.94 -3.48 9.36
N ASN B 36 -30.07 -2.55 8.95
CA ASN B 36 -29.46 -2.54 7.63
C ASN B 36 -28.03 -3.07 7.72
N TYR B 37 -27.76 -4.16 7.00
CA TYR B 37 -26.48 -4.84 7.13
C TYR B 37 -25.48 -4.29 6.10
N LEU B 38 -25.01 -3.08 6.41
CA LEU B 38 -24.09 -2.32 5.58
C LEU B 38 -23.05 -1.70 6.50
N ASP B 39 -21.77 -1.95 6.23
CA ASP B 39 -20.68 -1.39 7.02
C ASP B 39 -19.85 -0.46 6.13
N TRP B 40 -19.08 0.42 6.77
CA TRP B 40 -18.07 1.22 6.10
C TRP B 40 -16.71 0.98 6.76
N TYR B 41 -15.68 0.86 5.92
CA TYR B 41 -14.30 0.62 6.33
C TYR B 41 -13.43 1.70 5.70
N VAL B 42 -12.33 2.03 6.37
CA VAL B 42 -11.29 2.86 5.77
C VAL B 42 -9.99 2.09 5.74
N GLN B 43 -9.22 2.30 4.68
CA GLN B 43 -7.86 1.76 4.61
C GLN B 43 -6.92 2.93 4.36
N LYS B 44 -6.14 3.24 5.36
CA LYS B 44 -5.18 4.31 5.28
C LYS B 44 -3.86 3.82 4.71
N PRO B 45 -3.03 4.71 4.21
CA PRO B 45 -1.77 4.28 3.60
C PRO B 45 -0.92 3.43 4.53
N GLY B 46 -0.50 2.27 4.02
CA GLY B 46 0.35 1.38 4.77
C GLY B 46 -0.34 0.56 5.84
N GLN B 47 -1.67 0.66 5.97
CA GLN B 47 -2.38 -0.01 7.05
C GLN B 47 -3.40 -1.00 6.50
N SER B 48 -3.79 -1.95 7.36
CA SER B 48 -4.94 -2.78 7.07
C SER B 48 -6.25 -2.01 7.21
N PRO B 49 -7.32 -2.48 6.58
CA PRO B 49 -8.61 -1.79 6.73
C PRO B 49 -9.06 -1.79 8.17
N GLN B 50 -9.86 -0.77 8.50
CA GLN B 50 -10.44 -0.65 9.84
CA GLN B 50 -10.43 -0.64 9.83
C GLN B 50 -11.90 -0.23 9.74
N LEU B 51 -12.69 -0.78 10.64
CA LEU B 51 -14.11 -0.48 10.71
C LEU B 51 -14.38 0.95 11.13
N LEU B 52 -15.26 1.64 10.39
CA LEU B 52 -15.75 2.97 10.74
C LEU B 52 -17.19 2.96 11.24
N ILE B 53 -18.09 2.38 10.47
CA ILE B 53 -19.53 2.34 10.73
C ILE B 53 -19.99 0.90 10.58
N TYR B 54 -20.81 0.41 11.53
CA TYR B 54 -21.47 -0.88 11.35
C TYR B 54 -22.99 -0.72 11.35
N LEU B 55 -23.65 -1.62 10.62
CA LEU B 55 -25.12 -1.66 10.53
C LEU B 55 -25.69 -0.30 10.16
N GLY B 56 -25.10 0.29 9.15
CA GLY B 56 -25.68 1.46 8.51
C GLY B 56 -25.30 2.77 9.12
N SER B 57 -25.47 2.88 10.44
CA SER B 57 -25.39 4.18 11.10
C SER B 57 -24.66 4.18 12.44
N ASN B 58 -24.05 3.09 12.86
CA ASN B 58 -23.46 3.00 14.19
C ASN B 58 -21.94 3.18 14.13
N ARG B 59 -21.44 4.22 14.76
CA ARG B 59 -19.99 4.39 14.79
C ARG B 59 -19.35 3.28 15.60
N ALA B 60 -18.26 2.73 15.04
CA ALA B 60 -17.51 1.73 15.75
C ALA B 60 -16.73 2.35 16.91
N SER B 61 -16.30 1.49 17.84
CA SER B 61 -15.61 2.00 19.02
C SER B 61 -14.35 2.76 18.60
N GLY B 62 -14.12 3.90 19.23
CA GLY B 62 -12.96 4.72 18.94
C GLY B 62 -13.09 5.68 17.79
N VAL B 63 -14.16 5.58 17.00
CA VAL B 63 -14.32 6.41 15.79
C VAL B 63 -14.90 7.76 16.20
N PRO B 64 -14.32 8.86 15.77
CA PRO B 64 -14.80 10.18 16.20
C PRO B 64 -16.12 10.54 15.52
N ASP B 65 -16.83 11.50 16.14
CA ASP B 65 -18.18 11.83 15.72
C ASP B 65 -18.24 12.59 14.39
N ARG B 66 -17.10 12.86 13.76
CA ARG B 66 -17.11 13.44 12.41
C ARG B 66 -17.62 12.46 11.38
N PHE B 67 -17.62 11.17 11.67
CA PHE B 67 -18.03 10.15 10.72
C PHE B 67 -19.47 9.75 11.03
N SER B 68 -20.33 9.79 10.01
CA SER B 68 -21.69 9.34 10.23
C SER B 68 -22.15 8.57 9.01
N GLY B 69 -23.03 7.61 9.25
CA GLY B 69 -23.62 6.81 8.19
C GLY B 69 -25.13 6.94 8.24
N SER B 70 -25.73 6.94 7.05
CA SER B 70 -27.18 7.04 6.92
C SER B 70 -27.62 6.21 5.73
N GLY B 71 -28.92 6.09 5.59
CA GLY B 71 -29.49 5.33 4.50
C GLY B 71 -30.26 4.11 4.99
N SER B 72 -30.94 3.48 4.04
CA SER B 72 -31.75 2.30 4.32
C SER B 72 -31.98 1.56 3.01
N GLY B 73 -32.23 0.27 3.12
CA GLY B 73 -32.66 -0.51 1.99
C GLY B 73 -31.51 -0.77 1.03
N THR B 74 -31.48 -0.02 -0.07
CA THR B 74 -30.44 -0.19 -1.07
C THR B 74 -29.51 1.00 -1.26
N TYR B 75 -29.65 2.07 -0.50
CA TYR B 75 -28.81 3.24 -0.75
C TYR B 75 -28.33 3.83 0.57
N PHE B 76 -27.01 4.00 0.69
CA PHE B 76 -26.36 4.36 1.93
C PHE B 76 -25.30 5.42 1.66
N THR B 77 -25.10 6.31 2.65
CA THR B 77 -24.17 7.42 2.52
C THR B 77 -23.31 7.52 3.78
N LEU B 78 -22.01 7.65 3.56
CA LEU B 78 -21.04 7.98 4.59
C LEU B 78 -20.73 9.46 4.47
N LYS B 79 -20.85 10.19 5.57
CA LYS B 79 -20.51 11.61 5.59
C LYS B 79 -19.39 11.84 6.59
N ILE B 80 -18.39 12.58 6.17
CA ILE B 80 -17.37 13.12 7.07
C ILE B 80 -17.69 14.61 7.20
N SER B 81 -18.05 15.05 8.41
CA SER B 81 -18.59 16.39 8.55
C SER B 81 -17.53 17.46 8.31
N ARG B 82 -16.31 17.22 8.79
CA ARG B 82 -15.18 18.14 8.66
C ARG B 82 -13.97 17.26 8.39
N VAL B 83 -13.43 17.32 7.18
CA VAL B 83 -12.32 16.45 6.81
C VAL B 83 -11.02 16.98 7.42
N GLU B 84 -10.17 16.05 7.86
CA GLU B 84 -8.83 16.37 8.33
C GLU B 84 -7.79 15.63 7.49
N ALA B 85 -6.54 16.11 7.56
CA ALA B 85 -5.48 15.53 6.74
C ALA B 85 -5.36 14.03 6.97
N GLU B 86 -5.56 13.58 8.21
CA GLU B 86 -5.37 12.17 8.55
C GLU B 86 -6.46 11.27 7.96
N ASP B 87 -7.48 11.84 7.33
CA ASP B 87 -8.56 11.06 6.75
C ASP B 87 -8.21 10.51 5.38
N VAL B 88 -7.06 10.89 4.83
CA VAL B 88 -6.69 10.44 3.50
C VAL B 88 -6.64 8.92 3.46
N GLY B 89 -7.21 8.34 2.42
CA GLY B 89 -7.22 6.90 2.29
C GLY B 89 -8.34 6.46 1.37
N PHE B 90 -8.60 5.15 1.40
CA PHE B 90 -9.67 4.54 0.62
C PHE B 90 -10.78 4.12 1.57
N TYR B 91 -12.02 4.40 1.16
CA TYR B 91 -13.21 4.10 1.93
C TYR B 91 -14.03 3.06 1.17
N TYR B 92 -14.49 2.03 1.88
CA TYR B 92 -15.18 0.91 1.27
C TYR B 92 -16.49 0.68 2.00
N CYS B 93 -17.56 0.47 1.25
CA CYS B 93 -18.74 -0.10 1.87
C CYS B 93 -18.69 -1.62 1.76
N MET B 94 -19.48 -2.28 2.59
CA MET B 94 -19.53 -3.74 2.62
C MET B 94 -20.91 -4.21 3.08
N GLU B 95 -21.50 -5.11 2.32
CA GLU B 95 -22.74 -5.74 2.76
C GLU B 95 -22.46 -7.00 3.55
N ALA B 96 -23.24 -7.18 4.62
CA ALA B 96 -23.21 -8.38 5.45
C ALA B 96 -24.57 -9.06 5.50
N ARG B 97 -25.49 -8.69 4.62
CA ARG B 97 -26.80 -9.32 4.63
C ARG B 97 -26.69 -10.82 4.40
N GLN B 98 -25.70 -11.23 3.61
CA GLN B 98 -25.49 -12.62 3.25
C GLN B 98 -24.56 -13.36 4.21
N THR B 99 -24.22 -12.75 5.35
CA THR B 99 -23.33 -13.39 6.34
C THR B 99 -23.62 -14.87 6.44
N PRO B 100 -22.57 -15.72 6.37
CA PRO B 100 -21.14 -15.40 6.40
C PRO B 100 -20.51 -15.05 5.06
N ARG B 101 -21.32 -14.81 4.04
CA ARG B 101 -20.84 -14.32 2.75
C ARG B 101 -20.92 -12.80 2.76
N LEU B 102 -19.85 -12.14 2.32
CA LEU B 102 -19.77 -10.69 2.35
C LEU B 102 -19.43 -10.16 0.97
N THR B 103 -19.72 -8.88 0.71
CA THR B 103 -19.40 -8.23 -0.56
C THR B 103 -18.97 -6.79 -0.30
N PHE B 104 -17.78 -6.43 -0.76
CA PHE B 104 -17.29 -5.05 -0.70
C PHE B 104 -17.61 -4.26 -1.96
N GLY B 105 -17.92 -2.99 -1.74
CA GLY B 105 -17.91 -2.01 -2.80
C GLY B 105 -16.53 -1.78 -3.36
N GLY B 106 -16.47 -1.10 -4.50
CA GLY B 106 -15.23 -0.94 -5.22
C GLY B 106 -14.24 0.03 -4.58
N GLY B 107 -14.68 0.83 -3.60
CA GLY B 107 -13.85 1.79 -2.93
C GLY B 107 -13.92 3.18 -3.54
N THR B 108 -13.62 4.17 -2.70
CA THR B 108 -13.58 5.59 -3.04
C THR B 108 -12.29 6.14 -2.47
N LYS B 109 -11.50 6.80 -3.29
CA LYS B 109 -10.28 7.44 -2.83
C LYS B 109 -10.56 8.86 -2.35
N LEU B 110 -10.16 9.15 -1.12
CA LEU B 110 -10.26 10.49 -0.56
C LEU B 110 -8.90 11.13 -0.59
N GLU B 111 -8.80 12.24 -1.32
CA GLU B 111 -7.61 13.06 -1.42
C GLU B 111 -7.87 14.36 -0.69
N ILE B 112 -6.80 14.98 -0.18
CA ILE B 112 -6.90 16.18 0.63
C ILE B 112 -6.34 17.33 -0.18
N ARG B 113 -7.11 18.42 -0.26
CA ARG B 113 -6.65 19.63 -0.91
C ARG B 113 -5.92 20.48 0.10
N ARG B 114 -4.80 21.06 -0.32
CA ARG B 114 -4.06 21.95 0.55
C ARG B 114 -3.45 23.03 -0.33
N THR B 115 -2.71 23.92 0.30
CA THR B 115 -2.07 25.01 -0.42
C THR B 115 -0.91 24.48 -1.25
N VAL B 116 -0.57 25.23 -2.30
CA VAL B 116 0.55 24.87 -3.16
C VAL B 116 1.84 24.81 -2.33
N ALA B 117 2.63 23.77 -2.54
CA ALA B 117 3.92 23.62 -1.88
C ALA B 117 4.94 23.23 -2.95
N ALA B 118 6.02 24.00 -3.05
CA ALA B 118 7.04 23.72 -4.06
C ALA B 118 7.87 22.51 -3.63
N PRO B 119 8.26 21.66 -4.56
CA PRO B 119 9.17 20.56 -4.21
C PRO B 119 10.56 21.06 -3.94
N SER B 120 11.25 20.39 -3.01
CA SER B 120 12.70 20.47 -2.93
C SER B 120 13.27 19.39 -3.85
N VAL B 121 14.24 19.75 -4.69
CA VAL B 121 14.72 18.87 -5.76
C VAL B 121 16.17 18.50 -5.49
N PHE B 122 16.50 17.22 -5.69
CA PHE B 122 17.83 16.68 -5.49
C PHE B 122 18.15 15.74 -6.63
N ILE B 123 19.42 15.70 -7.05
CA ILE B 123 19.87 14.76 -8.07
C ILE B 123 20.99 13.92 -7.48
N PHE B 124 20.97 12.63 -7.81
CA PHE B 124 21.96 11.67 -7.34
C PHE B 124 22.66 10.96 -8.50
N PRO B 125 23.98 11.01 -8.60
CA PRO B 125 24.66 10.27 -9.66
C PRO B 125 24.67 8.78 -9.34
N PRO B 126 24.96 7.93 -10.33
CA PRO B 126 25.13 6.50 -10.03
C PRO B 126 26.35 6.27 -9.17
N SER B 127 26.27 5.23 -8.34
CA SER B 127 27.38 4.86 -7.49
C SER B 127 28.46 4.15 -8.29
N ASP B 128 29.69 4.23 -7.81
CA ASP B 128 30.78 3.49 -8.45
C ASP B 128 30.48 2.00 -8.44
N GLU B 129 29.81 1.52 -7.39
CA GLU B 129 29.53 0.08 -7.30
C GLU B 129 28.60 -0.37 -8.43
N GLN B 130 27.57 0.43 -8.73
CA GLN B 130 26.66 0.05 -9.81
C GLN B 130 27.34 0.09 -11.17
N LEU B 131 28.13 1.14 -11.42
CA LEU B 131 28.69 1.31 -12.76
C LEU B 131 29.48 0.08 -13.21
N LYS B 132 30.15 -0.59 -12.29
CA LYS B 132 30.93 -1.78 -12.68
C LYS B 132 30.07 -2.76 -13.44
N SER B 133 28.90 -3.07 -12.89
CA SER B 133 27.98 -4.08 -13.42
C SER B 133 27.32 -3.66 -14.72
N GLY B 134 27.75 -2.55 -15.29
CA GLY B 134 27.35 -2.19 -16.64
C GLY B 134 26.12 -1.34 -16.75
N THR B 135 25.59 -0.86 -15.62
CA THR B 135 24.36 -0.07 -15.60
C THR B 135 24.58 1.20 -14.78
N ALA B 136 23.86 2.25 -15.16
CA ALA B 136 23.93 3.53 -14.48
C ALA B 136 22.51 4.01 -14.25
N SER B 137 22.13 4.16 -12.99
CA SER B 137 20.86 4.77 -12.63
C SER B 137 21.11 6.15 -12.04
N VAL B 138 20.42 7.15 -12.59
CA VAL B 138 20.48 8.52 -12.11
C VAL B 138 19.12 8.82 -11.50
N VAL B 139 19.10 9.34 -10.29
CA VAL B 139 17.85 9.53 -9.56
C VAL B 139 17.63 11.01 -9.29
N CYS B 140 16.41 11.46 -9.54
CA CYS B 140 15.97 12.82 -9.25
C CYS B 140 14.84 12.72 -8.23
N LEU B 141 14.97 13.43 -7.13
CA LEU B 141 14.00 13.41 -6.05
C LEU B 141 13.28 14.75 -5.99
N LEU B 142 11.95 14.71 -5.93
CA LEU B 142 11.08 15.86 -5.68
C LEU B 142 10.42 15.61 -4.33
N ASN B 143 10.74 16.41 -3.33
CA ASN B 143 10.30 16.13 -1.97
C ASN B 143 9.25 17.12 -1.49
N ASN B 144 8.15 16.58 -0.96
CA ASN B 144 7.12 17.28 -0.19
C ASN B 144 6.50 18.45 -0.98
N PHE B 145 5.75 18.09 -2.01
CA PHE B 145 5.13 19.09 -2.87
C PHE B 145 3.63 18.84 -3.01
N TYR B 146 2.93 19.89 -3.44
CA TYR B 146 1.51 19.82 -3.74
C TYR B 146 1.18 20.94 -4.70
N PRO B 147 0.34 20.68 -5.70
CA PRO B 147 -0.41 19.48 -6.07
C PRO B 147 0.45 18.42 -6.69
N ARG B 148 -0.22 17.30 -6.98
CA ARG B 148 0.47 16.10 -7.46
C ARG B 148 1.14 16.34 -8.79
N GLU B 149 0.54 17.15 -9.65
CA GLU B 149 1.01 17.32 -11.01
C GLU B 149 2.43 17.89 -11.01
N ALA B 150 3.34 17.20 -11.67
CA ALA B 150 4.72 17.64 -11.77
C ALA B 150 5.31 17.00 -13.01
N LYS B 151 6.18 17.75 -13.69
CA LYS B 151 6.84 17.30 -14.90
C LYS B 151 8.33 17.24 -14.63
N VAL B 152 8.93 16.08 -14.88
CA VAL B 152 10.36 15.88 -14.75
C VAL B 152 10.91 15.56 -16.13
N GLN B 153 11.89 16.34 -16.57
CA GLN B 153 12.57 16.12 -17.84
C GLN B 153 14.05 15.87 -17.59
N TRP B 154 14.58 14.83 -18.21
CA TRP B 154 15.99 14.51 -18.16
C TRP B 154 16.70 15.07 -19.38
N LYS B 155 17.88 15.64 -19.15
CA LYS B 155 18.72 16.15 -20.22
C LYS B 155 20.14 15.64 -20.01
N VAL B 156 20.71 15.06 -21.05
CA VAL B 156 22.10 14.59 -21.03
C VAL B 156 22.87 15.39 -22.07
N ASP B 157 23.87 16.13 -21.61
CA ASP B 157 24.57 17.12 -22.45
C ASP B 157 23.55 17.97 -23.22
N ASN B 158 22.56 18.45 -22.48
CA ASN B 158 21.48 19.31 -22.97
C ASN B 158 20.59 18.64 -24.02
N ALA B 159 20.70 17.33 -24.21
CA ALA B 159 19.82 16.60 -25.11
C ALA B 159 18.68 15.98 -24.31
N LEU B 160 17.44 16.28 -24.71
CA LEU B 160 16.27 15.81 -23.99
C LEU B 160 16.12 14.29 -24.12
N GLN B 161 15.94 13.62 -22.99
CA GLN B 161 15.80 12.18 -22.94
C GLN B 161 14.33 11.78 -23.06
N SER B 162 14.09 10.61 -23.65
CA SER B 162 12.75 10.06 -23.72
C SER B 162 12.86 8.55 -23.77
N GLY B 163 11.97 7.87 -23.03
CA GLY B 163 11.87 6.43 -23.08
C GLY B 163 12.74 5.69 -22.09
N ASN B 164 13.61 6.39 -21.33
CA ASN B 164 14.57 5.70 -20.47
C ASN B 164 14.44 6.11 -19.01
N SER B 165 13.28 6.60 -18.58
CA SER B 165 13.07 6.94 -17.18
C SER B 165 11.73 6.41 -16.69
N GLN B 166 11.64 6.26 -15.36
CA GLN B 166 10.42 5.80 -14.69
C GLN B 166 10.25 6.63 -13.42
N GLU B 167 9.00 6.89 -13.08
CA GLU B 167 8.63 7.67 -11.90
C GLU B 167 7.90 6.80 -10.88
N SER B 168 8.10 7.15 -9.62
CA SER B 168 7.33 6.61 -8.50
C SER B 168 6.91 7.75 -7.59
N VAL B 169 5.69 7.67 -7.06
CA VAL B 169 5.15 8.75 -6.24
C VAL B 169 4.61 8.15 -4.95
N THR B 170 4.88 8.81 -3.83
CA THR B 170 4.35 8.37 -2.56
C THR B 170 2.85 8.63 -2.49
N GLU B 171 2.19 7.91 -1.60
CA GLU B 171 0.83 8.28 -1.25
C GLU B 171 0.85 9.60 -0.48
N GLN B 172 -0.27 10.32 -0.55
CA GLN B 172 -0.35 11.61 0.11
C GLN B 172 -0.08 11.48 1.61
N ASP B 173 0.79 12.33 2.14
CA ASP B 173 1.15 12.24 3.54
C ASP B 173 -0.04 12.51 4.44
N SER B 174 -0.17 11.70 5.50
CA SER B 174 -1.30 11.84 6.40
CA SER B 174 -1.31 11.84 6.39
C SER B 174 -1.22 13.06 7.32
N LYS B 175 -0.05 13.69 7.44
CA LYS B 175 0.08 14.86 8.31
C LYS B 175 0.11 16.17 7.54
N ASP B 176 0.91 16.26 6.47
CA ASP B 176 1.07 17.50 5.73
C ASP B 176 0.46 17.46 4.34
N SER B 177 -0.12 16.32 3.94
CA SER B 177 -0.89 16.22 2.69
C SER B 177 -0.05 16.46 1.44
N THR B 178 1.26 16.29 1.52
CA THR B 178 2.12 16.46 0.36
C THR B 178 2.48 15.12 -0.28
N TYR B 179 3.10 15.21 -1.45
CA TYR B 179 3.63 14.09 -2.19
C TYR B 179 5.15 14.19 -2.30
N SER B 180 5.80 13.04 -2.51
CA SER B 180 7.18 13.02 -2.96
C SER B 180 7.27 12.12 -4.17
N LEU B 181 8.23 12.41 -5.03
CA LEU B 181 8.32 11.70 -6.30
C LEU B 181 9.77 11.43 -6.61
N SER B 182 10.03 10.25 -7.16
CA SER B 182 11.34 9.91 -7.67
C SER B 182 11.24 9.69 -9.18
N SER B 183 12.26 10.14 -9.90
CA SER B 183 12.41 9.81 -11.31
C SER B 183 13.78 9.18 -11.48
N THR B 184 13.83 8.03 -12.15
CA THR B 184 15.08 7.29 -12.31
C THR B 184 15.37 7.12 -13.79
N LEU B 185 16.53 7.63 -14.22
CA LEU B 185 17.03 7.50 -15.58
C LEU B 185 18.01 6.32 -15.62
N THR B 186 17.75 5.35 -16.50
CA THR B 186 18.61 4.17 -16.60
C THR B 186 19.34 4.20 -17.93
N LEU B 187 20.67 4.18 -17.86
CA LEU B 187 21.54 4.14 -19.04
C LEU B 187 22.51 2.98 -18.87
N SER B 188 23.03 2.50 -19.99
CA SER B 188 24.13 1.54 -19.92
C SER B 188 25.39 2.26 -19.43
N LYS B 189 26.34 1.48 -18.91
CA LYS B 189 27.61 2.07 -18.50
C LYS B 189 28.28 2.78 -19.65
N ALA B 190 28.28 2.17 -20.83
CA ALA B 190 28.94 2.77 -21.99
C ALA B 190 28.29 4.10 -22.34
N ASP B 191 26.94 4.14 -22.38
CA ASP B 191 26.27 5.39 -22.68
C ASP B 191 26.53 6.44 -21.60
N TYR B 192 26.52 6.02 -20.33
CA TYR B 192 26.76 6.97 -19.25
C TYR B 192 28.13 7.61 -19.35
N GLU B 193 29.13 6.83 -19.76
CA GLU B 193 30.49 7.35 -19.85
C GLU B 193 30.74 8.16 -21.12
N LYS B 194 29.78 8.17 -22.06
CA LYS B 194 29.89 9.00 -23.26
C LYS B 194 29.60 10.48 -23.01
N HIS B 195 28.90 10.81 -21.93
CA HIS B 195 28.39 12.16 -21.73
C HIS B 195 28.87 12.71 -20.39
N LYS B 196 28.82 14.05 -20.27
CA LYS B 196 29.37 14.75 -19.12
C LYS B 196 28.30 15.34 -18.21
N VAL B 197 27.34 16.08 -18.75
CA VAL B 197 26.40 16.86 -17.94
C VAL B 197 25.08 16.11 -17.85
N TYR B 198 24.64 15.84 -16.63
CA TYR B 198 23.38 15.18 -16.36
C TYR B 198 22.49 16.13 -15.58
N ALA B 199 21.25 16.31 -16.03
CA ALA B 199 20.36 17.30 -15.44
C ALA B 199 18.94 16.79 -15.41
N CYS B 200 18.23 17.10 -14.33
CA CYS B 200 16.79 16.90 -14.29
C CYS B 200 16.14 18.27 -14.09
N GLU B 201 15.18 18.57 -14.95
CA GLU B 201 14.47 19.84 -14.96
C GLU B 201 13.05 19.58 -14.49
N VAL B 202 12.64 20.27 -13.43
CA VAL B 202 11.36 20.05 -12.77
C VAL B 202 10.47 21.26 -13.01
N THR B 203 9.25 21.02 -13.48
CA THR B 203 8.23 22.04 -13.65
C THR B 203 7.10 21.73 -12.68
N HIS B 204 6.73 22.72 -11.86
CA HIS B 204 5.68 22.55 -10.87
C HIS B 204 5.06 23.91 -10.56
N GLN B 205 3.77 23.89 -10.21
CA GLN B 205 3.03 25.12 -9.96
C GLN B 205 3.65 25.97 -8.86
N GLY B 206 4.26 25.35 -7.86
CA GLY B 206 4.85 26.05 -6.73
C GLY B 206 6.20 26.68 -7.00
N LEU B 207 6.81 26.35 -8.14
CA LEU B 207 8.08 26.93 -8.55
C LEU B 207 7.85 28.18 -9.39
N SER B 208 8.68 29.19 -9.17
CA SER B 208 8.57 30.41 -9.96
C SER B 208 9.04 30.22 -11.40
N SER B 209 9.79 29.17 -11.66
CA SER B 209 10.16 28.73 -13.00
C SER B 209 10.76 27.33 -12.85
N PRO B 210 10.89 26.57 -13.95
CA PRO B 210 11.44 25.21 -13.82
C PRO B 210 12.80 25.23 -13.14
N VAL B 211 13.02 24.27 -12.24
CA VAL B 211 14.28 24.14 -11.50
C VAL B 211 15.08 22.99 -12.09
N THR B 212 16.35 23.24 -12.36
CA THR B 212 17.26 22.24 -12.88
C THR B 212 18.31 21.92 -11.83
N LYS B 213 18.46 20.64 -11.50
CA LYS B 213 19.60 20.17 -10.74
C LYS B 213 20.47 19.34 -11.66
N SER B 214 21.78 19.46 -11.51
CA SER B 214 22.69 18.79 -12.44
C SER B 214 24.00 18.46 -11.75
N PHE B 215 24.73 17.56 -12.40
CA PHE B 215 26.08 17.23 -12.00
C PHE B 215 26.87 16.91 -13.26
N ASN B 216 28.19 17.06 -13.14
CA ASN B 216 29.14 16.65 -14.17
C ASN B 216 29.72 15.29 -13.78
N ARG B 217 29.58 14.31 -14.66
CA ARG B 217 30.07 12.95 -14.40
C ARG B 217 31.54 12.95 -14.00
#